data_4ES6
#
_entry.id   4ES6
#
_cell.length_a   132.070
_cell.length_b   132.070
_cell.length_c   42.440
_cell.angle_alpha   90.00
_cell.angle_beta   90.00
_cell.angle_gamma   90.00
#
_symmetry.space_group_name_H-M   'P 43 21 2'
#
loop_
_entity.id
_entity.type
_entity.pdbx_description
1 polymer 'Uroporphyrinogen-III synthase'
2 non-polymer 'CHLORIDE ION'
3 water water
#
_entity_poly.entity_id   1
_entity_poly.type   'polypeptide(L)'
_entity_poly.pdbx_seq_one_letter_code
;GSHMSGWRLLLTRPDEECAALAASLGEAGVHSSSLPLLAIDPLEETPEQRTLMLDLDRYCAVVVVSKPAARLGLERLDRY
WPQPPQQTWCSVGAATAAILEAYGLDVTYPEQGDDSEALLALPAFQDSLRVHDPKVLIMRGEGGREFLAERLRGQGVQVD
YLPLYRRRAPDYPAGELLARVRAERLNGLVVSSGQGLQNLYQLAAADWPEIGRLPLFVPSPRVAEMARELGAQRVIDCRG
ASAPALLAALTSAA
;
_entity_poly.pdbx_strand_id   A
#
loop_
_chem_comp.id
_chem_comp.type
_chem_comp.name
_chem_comp.formula
CL non-polymer 'CHLORIDE ION' 'Cl -1'
#
# COMPACT_ATOMS: atom_id res chain seq x y z
N GLY A 6 9.51 -3.90 26.08
CA GLY A 6 8.54 -3.27 25.12
C GLY A 6 8.40 -4.02 23.81
N TRP A 7 7.79 -3.37 22.81
CA TRP A 7 7.62 -3.96 21.48
C TRP A 7 8.89 -3.94 20.64
N ARG A 8 9.20 -5.07 20.03
CA ARG A 8 10.35 -5.18 19.15
C ARG A 8 9.87 -5.79 17.83
N LEU A 9 9.80 -4.95 16.81
CA LEU A 9 9.01 -5.27 15.62
C LEU A 9 9.82 -5.57 14.34
N LEU A 10 9.39 -6.59 13.61
CA LEU A 10 9.82 -6.74 12.21
C LEU A 10 8.97 -5.91 11.23
N LEU A 11 9.61 -5.03 10.47
CA LEU A 11 8.93 -4.27 9.43
C LEU A 11 9.25 -4.95 8.10
N THR A 12 8.26 -5.05 7.24
CA THR A 12 8.37 -5.88 6.01
C THR A 12 8.01 -5.11 4.73
N ARG A 13 7.45 -3.91 4.91
CA ARG A 13 7.23 -2.88 3.90
C ARG A 13 8.42 -2.63 2.94
N PRO A 14 8.18 -2.16 1.71
CA PRO A 14 9.28 -1.78 0.81
C PRO A 14 10.26 -0.77 1.42
N ASP A 15 11.52 -0.90 1.06
CA ASP A 15 12.65 -0.16 1.64
C ASP A 15 12.41 1.32 2.02
N GLU A 16 11.89 2.11 1.07
CA GLU A 16 11.65 3.55 1.30
C GLU A 16 10.61 3.80 2.39
N GLU A 17 9.50 3.09 2.35
CA GLU A 17 8.44 3.25 3.36
C GLU A 17 8.89 2.68 4.72
N CYS A 18 9.76 1.68 4.66
CA CYS A 18 10.30 1.01 5.83
C CYS A 18 11.13 1.95 6.70
N ALA A 19 12.01 2.73 6.07
CA ALA A 19 12.88 3.66 6.79
C ALA A 19 12.09 4.78 7.47
N ALA A 20 11.04 5.27 6.80
CA ALA A 20 10.18 6.31 7.38
C ALA A 20 9.38 5.75 8.57
N LEU A 21 8.91 4.52 8.46
CA LEU A 21 8.23 3.92 9.59
C LEU A 21 9.18 3.63 10.77
N ALA A 22 10.39 3.12 10.48
CA ALA A 22 11.38 2.83 11.52
C ALA A 22 11.71 4.07 12.35
N ALA A 23 11.87 5.18 11.65
CA ALA A 23 12.16 6.48 12.25
C ALA A 23 11.00 6.95 13.14
N SER A 24 9.77 6.91 12.62
CA SER A 24 8.59 7.23 13.46
C SER A 24 8.49 6.36 14.71
N LEU A 25 8.68 5.05 14.55
CA LEU A 25 8.64 4.11 15.66
C LEU A 25 9.77 4.37 16.66
N GLY A 26 10.96 4.70 16.15
CA GLY A 26 12.09 5.02 17.02
C GLY A 26 11.81 6.28 17.82
N GLU A 27 11.28 7.30 17.14
CA GLU A 27 10.87 8.54 17.80
C GLU A 27 9.85 8.30 18.92
N ALA A 28 8.98 7.32 18.73
CA ALA A 28 8.03 6.92 19.78
C ALA A 28 8.63 5.95 20.78
N GLY A 29 9.91 5.58 20.59
CA GLY A 29 10.60 4.68 21.52
C GLY A 29 10.27 3.20 21.33
N VAL A 30 9.84 2.84 20.12
CA VAL A 30 9.61 1.44 19.78
C VAL A 30 10.78 0.95 18.92
N HIS A 31 11.38 -0.17 19.33
CA HIS A 31 12.46 -0.80 18.57
C HIS A 31 11.90 -1.57 17.35
N SER A 32 12.65 -1.56 16.24
CA SER A 32 12.26 -2.30 15.06
C SER A 32 13.46 -2.76 14.25
N SER A 33 13.27 -3.83 13.50
CA SER A 33 14.23 -4.28 12.53
C SER A 33 13.58 -4.32 11.16
N SER A 34 14.25 -3.78 10.14
CA SER A 34 13.66 -3.73 8.80
C SER A 34 14.08 -4.86 7.87
N LEU A 35 13.08 -5.61 7.41
CA LEU A 35 13.32 -6.65 6.42
C LEU A 35 12.30 -6.55 5.28
N PRO A 36 12.54 -5.66 4.32
CA PRO A 36 11.58 -5.49 3.24
C PRO A 36 11.29 -6.81 2.53
N LEU A 37 10.02 -7.15 2.37
CA LEU A 37 9.67 -8.39 1.70
C LEU A 37 9.30 -8.21 0.26
N LEU A 38 9.28 -6.96 -0.18
CA LEU A 38 9.04 -6.61 -1.57
C LEU A 38 9.99 -5.51 -1.93
N ALA A 39 10.50 -5.54 -3.15
CA ALA A 39 11.29 -4.44 -3.67
C ALA A 39 10.53 -3.89 -4.86
N ILE A 40 10.70 -2.60 -5.08
CA ILE A 40 9.96 -1.88 -6.10
C ILE A 40 10.87 -1.68 -7.32
N ASP A 41 10.53 -2.33 -8.42
CA ASP A 41 11.26 -2.21 -9.68
C ASP A 41 10.49 -1.36 -10.67
N PRO A 42 10.88 -0.09 -10.86
CA PRO A 42 10.20 0.76 -11.83
C PRO A 42 10.07 0.08 -13.20
N LEU A 43 8.89 0.22 -13.82
CA LEU A 43 8.62 -0.33 -15.13
C LEU A 43 9.05 0.63 -16.22
N GLU A 44 9.53 0.06 -17.32
CA GLU A 44 9.85 0.79 -18.53
C GLU A 44 8.53 1.09 -19.20
N GLU A 45 8.26 2.38 -19.41
CA GLU A 45 7.02 2.85 -20.02
C GLU A 45 6.90 2.36 -21.45
N THR A 46 5.81 1.66 -21.77
CA THR A 46 5.55 1.21 -23.13
C THR A 46 4.84 2.32 -23.93
N PRO A 47 4.79 2.18 -25.27
CA PRO A 47 4.06 3.16 -26.09
C PRO A 47 2.56 3.26 -25.71
N GLU A 48 1.95 2.13 -25.39
CA GLU A 48 0.53 2.12 -25.01
C GLU A 48 0.30 2.83 -23.69
N GLN A 49 1.23 2.65 -22.75
CA GLN A 49 1.19 3.34 -21.47
C GLN A 49 1.42 4.85 -21.59
N ARG A 50 2.36 5.25 -22.45
CA ARG A 50 2.61 6.66 -22.68
C ARG A 50 1.36 7.37 -23.24
N THR A 51 0.66 6.70 -24.16
CA THR A 51 -0.61 7.18 -24.71
C THR A 51 -1.64 7.48 -23.62
N LEU A 52 -1.81 6.58 -22.65
CA LEU A 52 -2.68 6.83 -21.49
C LEU A 52 -2.33 8.14 -20.78
N MET A 53 -1.03 8.39 -20.64
CA MET A 53 -0.54 9.58 -19.97
C MET A 53 -0.76 10.83 -20.81
N LEU A 54 -0.57 10.72 -22.12
CA LEU A 54 -0.83 11.81 -23.03
C LEU A 54 -2.33 12.11 -23.10
N ASP A 55 -3.15 11.08 -22.89
CA ASP A 55 -4.60 11.27 -22.77
C ASP A 55 -5.10 11.30 -21.32
N LEU A 56 -4.24 11.74 -20.41
CA LEU A 56 -4.57 11.78 -18.98
C LEU A 56 -5.84 12.58 -18.66
N ASP A 57 -6.08 13.62 -19.45
CA ASP A 57 -7.22 14.52 -19.30
C ASP A 57 -8.59 13.89 -19.61
N ARG A 58 -8.61 12.64 -20.10
CA ARG A 58 -9.87 11.93 -20.33
C ARG A 58 -10.47 11.41 -19.02
N TYR A 59 -9.61 11.24 -18.02
CA TYR A 59 -10.02 10.66 -16.73
C TYR A 59 -10.56 11.71 -15.79
N CYS A 60 -11.73 11.41 -15.19
CA CYS A 60 -12.35 12.30 -14.20
C CYS A 60 -11.68 12.17 -12.84
N ALA A 61 -11.07 11.01 -12.61
CA ALA A 61 -10.34 10.76 -11.38
C ALA A 61 -9.16 9.84 -11.67
N VAL A 62 -8.08 10.04 -10.92
CA VAL A 62 -6.91 9.18 -10.93
C VAL A 62 -6.74 8.67 -9.52
N VAL A 63 -6.62 7.35 -9.38
CA VAL A 63 -6.48 6.75 -8.08
C VAL A 63 -5.07 6.24 -7.96
N VAL A 64 -4.38 6.67 -6.90
CA VAL A 64 -3.04 6.24 -6.63
C VAL A 64 -3.10 5.29 -5.43
N VAL A 65 -2.65 4.06 -5.59
CA VAL A 65 -2.93 3.02 -4.60
C VAL A 65 -1.85 2.83 -3.54
N SER A 66 -0.70 3.46 -3.73
CA SER A 66 0.46 3.21 -2.89
C SER A 66 1.43 4.37 -2.99
N LYS A 67 2.31 4.45 -2.00
CA LYS A 67 3.37 5.46 -2.01
C LYS A 67 4.33 5.36 -3.22
N PRO A 68 4.76 4.14 -3.62
CA PRO A 68 5.58 4.05 -4.83
C PRO A 68 4.84 4.44 -6.12
N ALA A 69 3.52 4.18 -6.18
CA ALA A 69 2.69 4.62 -7.28
C ALA A 69 2.54 6.14 -7.34
N ALA A 70 2.54 6.79 -6.18
CA ALA A 70 2.49 8.25 -6.16
C ALA A 70 3.83 8.80 -6.63
N ARG A 71 4.92 8.30 -6.07
CA ARG A 71 6.26 8.75 -6.48
C ARG A 71 6.46 8.55 -7.99
N LEU A 72 6.26 7.31 -8.48
CA LEU A 72 6.52 7.01 -9.89
C LEU A 72 5.48 7.67 -10.79
N GLY A 73 4.24 7.75 -10.33
CA GLY A 73 3.17 8.41 -11.07
C GLY A 73 3.41 9.90 -11.23
N LEU A 74 3.98 10.53 -10.20
CA LEU A 74 4.30 11.95 -10.30
C LEU A 74 5.41 12.22 -11.31
N GLU A 75 6.35 11.28 -11.45
CA GLU A 75 7.39 11.40 -12.46
C GLU A 75 6.79 11.49 -13.86
N ARG A 76 5.84 10.61 -14.16
CA ARG A 76 5.21 10.63 -15.49
C ARG A 76 4.28 11.82 -15.71
N LEU A 77 3.61 12.25 -14.64
CA LEU A 77 2.79 13.45 -14.70
C LEU A 77 3.68 14.65 -15.04
N ASP A 78 4.79 14.78 -14.33
CA ASP A 78 5.70 15.90 -14.52
C ASP A 78 6.32 15.83 -15.91
N ARG A 79 6.66 14.62 -16.34
CA ARG A 79 7.21 14.38 -17.67
C ARG A 79 6.27 14.88 -18.77
N TYR A 80 4.98 14.60 -18.67
CA TYR A 80 4.10 14.88 -19.80
C TYR A 80 3.14 16.03 -19.62
N TRP A 81 3.15 16.66 -18.43
CA TRP A 81 2.19 17.73 -18.12
C TRP A 81 2.77 18.94 -17.40
N PRO A 82 3.22 19.96 -18.18
CA PRO A 82 3.62 21.25 -17.64
C PRO A 82 2.56 21.79 -16.67
N GLN A 83 1.30 21.65 -17.05
CA GLN A 83 0.19 21.99 -16.17
C GLN A 83 -0.75 20.78 -16.09
N PRO A 84 -0.87 20.17 -14.88
CA PRO A 84 -1.75 19.01 -14.70
C PRO A 84 -3.18 19.31 -15.16
N PRO A 85 -3.83 18.36 -15.85
CA PRO A 85 -5.20 18.62 -16.29
C PRO A 85 -6.16 18.73 -15.10
N GLN A 86 -7.34 19.30 -15.34
CA GLN A 86 -8.39 19.38 -14.30
C GLN A 86 -9.02 18.00 -14.10
N GLN A 87 -8.77 17.42 -12.93
CA GLN A 87 -9.31 16.12 -12.56
C GLN A 87 -9.12 15.92 -11.07
N THR A 88 -9.79 14.93 -10.50
CA THR A 88 -9.68 14.64 -9.08
C THR A 88 -8.62 13.57 -8.80
N TRP A 89 -7.63 13.91 -7.98
CA TRP A 89 -6.62 12.95 -7.54
C TRP A 89 -7.07 12.30 -6.25
N CYS A 90 -6.94 10.97 -6.18
CA CYS A 90 -7.47 10.21 -5.08
C CYS A 90 -6.42 9.27 -4.55
N SER A 91 -6.56 8.95 -3.28
CA SER A 91 -5.64 8.13 -2.57
C SER A 91 -6.47 7.35 -1.56
N VAL A 92 -5.96 6.24 -1.09
CA VAL A 92 -6.62 5.47 -0.04
C VAL A 92 -6.27 5.99 1.38
N GLY A 93 -5.06 6.53 1.54
CA GLY A 93 -4.66 6.99 2.85
C GLY A 93 -4.09 8.39 2.80
N ALA A 94 -3.81 8.92 3.98
CA ALA A 94 -3.26 10.26 4.13
C ALA A 94 -1.79 10.28 3.68
N ALA A 95 -1.08 9.20 3.93
CA ALA A 95 0.36 9.15 3.71
C ALA A 95 0.70 9.16 2.23
N THR A 96 -0.14 8.52 1.43
CA THR A 96 -0.01 8.51 -0.02
C THR A 96 -0.43 9.88 -0.54
N ALA A 97 -1.52 10.41 0.00
CA ALA A 97 -2.02 11.73 -0.35
C ALA A 97 -0.96 12.83 -0.22
N ALA A 98 -0.15 12.75 0.84
CA ALA A 98 0.82 13.81 1.16
C ALA A 98 1.96 13.92 0.15
N ILE A 99 2.35 12.80 -0.44
CA ILE A 99 3.31 12.80 -1.55
C ILE A 99 2.76 13.58 -2.75
N LEU A 100 1.47 13.40 -3.02
CA LEU A 100 0.81 14.10 -4.10
C LEU A 100 0.61 15.57 -3.74
N GLU A 101 0.26 15.80 -2.48
CA GLU A 101 0.07 17.14 -1.94
C GLU A 101 1.34 17.98 -1.96
N ALA A 102 2.48 17.34 -1.67
CA ALA A 102 3.79 17.98 -1.74
C ALA A 102 4.11 18.47 -3.16
N TYR A 103 3.58 17.77 -4.16
CA TYR A 103 3.68 18.18 -5.56
C TYR A 103 2.76 19.37 -5.86
N GLY A 104 1.75 19.60 -5.03
CA GLY A 104 0.85 20.73 -5.22
C GLY A 104 -0.55 20.33 -5.64
N LEU A 105 -0.84 19.04 -5.63
CA LEU A 105 -2.17 18.55 -5.97
C LEU A 105 -3.12 18.54 -4.77
N ASP A 106 -4.40 18.82 -5.03
CA ASP A 106 -5.49 18.57 -4.07
C ASP A 106 -5.86 17.10 -4.19
N VAL A 107 -5.92 16.41 -3.05
CA VAL A 107 -6.16 14.98 -3.05
C VAL A 107 -7.42 14.64 -2.28
N THR A 108 -8.21 13.74 -2.86
CA THR A 108 -9.39 13.20 -2.21
C THR A 108 -9.04 11.87 -1.58
N TYR A 109 -9.28 11.74 -0.28
CA TYR A 109 -8.98 10.50 0.43
C TYR A 109 -9.81 10.42 1.70
N PRO A 110 -10.07 9.19 2.19
CA PRO A 110 -10.82 9.03 3.44
C PRO A 110 -9.93 9.27 4.65
N GLU A 111 -10.53 9.64 5.77
CA GLU A 111 -9.80 9.91 6.99
C GLU A 111 -9.41 8.62 7.72
N GLN A 112 -10.33 7.65 7.75
CA GLN A 112 -10.07 6.36 8.39
C GLN A 112 -9.11 5.54 7.54
N GLY A 113 -9.52 5.25 6.30
CA GLY A 113 -8.60 4.93 5.20
C GLY A 113 -7.61 3.80 5.35
N ASP A 114 -8.13 2.58 5.39
CA ASP A 114 -7.32 1.38 5.53
C ASP A 114 -7.25 0.56 4.22
N ASP A 115 -8.10 0.91 3.24
CA ASP A 115 -8.45 0.01 2.13
C ASP A 115 -9.24 0.72 0.99
N SER A 116 -9.32 0.07 -0.18
CA SER A 116 -10.10 0.53 -1.34
C SER A 116 -11.56 0.87 -1.00
N GLU A 117 -12.18 0.06 -0.14
CA GLU A 117 -13.57 0.26 0.27
C GLU A 117 -13.82 1.63 0.86
N ALA A 118 -12.91 2.06 1.73
CA ALA A 118 -13.01 3.36 2.36
C ALA A 118 -13.00 4.49 1.33
N LEU A 119 -12.19 4.36 0.28
CA LEU A 119 -12.18 5.35 -0.78
C LEU A 119 -13.48 5.24 -1.60
N LEU A 120 -13.86 4.00 -1.92
CA LEU A 120 -15.01 3.75 -2.78
C LEU A 120 -16.29 4.35 -2.18
N ALA A 121 -16.41 4.27 -0.85
CA ALA A 121 -17.61 4.75 -0.15
C ALA A 121 -17.59 6.24 0.15
N LEU A 122 -16.45 6.89 -0.04
CA LEU A 122 -16.31 8.32 0.28
C LEU A 122 -17.16 9.20 -0.61
N PRO A 123 -18.06 10.00 0.00
CA PRO A 123 -18.95 10.86 -0.79
C PRO A 123 -18.19 11.76 -1.78
N ALA A 124 -17.04 12.30 -1.36
CA ALA A 124 -16.21 13.13 -2.26
C ALA A 124 -15.67 12.37 -3.47
N PHE A 125 -15.34 11.08 -3.29
CA PHE A 125 -14.93 10.23 -4.41
C PHE A 125 -16.08 9.93 -5.37
N GLN A 126 -17.23 9.50 -4.84
CA GLN A 126 -18.41 9.24 -5.65
C GLN A 126 -18.86 10.47 -6.44
N ASP A 127 -18.74 11.64 -5.84
CA ASP A 127 -19.05 12.90 -6.51
C ASP A 127 -18.19 13.15 -7.77
N SER A 128 -16.90 12.81 -7.73
CA SER A 128 -15.99 13.00 -8.88
C SER A 128 -16.37 12.17 -10.10
N LEU A 129 -17.16 11.11 -9.88
CA LEU A 129 -17.62 10.24 -10.95
C LEU A 129 -18.89 10.77 -11.66
N ARG A 130 -19.41 11.91 -11.19
CA ARG A 130 -20.71 12.43 -11.68
C ARG A 130 -20.55 13.16 -13.02
N VAL A 131 -20.27 12.39 -14.05
CA VAL A 131 -19.78 12.91 -15.31
C VAL A 131 -20.32 12.00 -16.40
N HIS A 132 -20.55 12.53 -17.60
CA HIS A 132 -20.93 11.69 -18.74
C HIS A 132 -19.78 10.75 -19.12
N ASP A 133 -20.10 9.49 -19.39
CA ASP A 133 -19.10 8.46 -19.72
C ASP A 133 -17.85 8.53 -18.82
N PRO A 134 -18.03 8.34 -17.50
CA PRO A 134 -16.91 8.51 -16.56
C PRO A 134 -15.78 7.50 -16.78
N LYS A 135 -14.54 7.99 -16.76
CA LYS A 135 -13.37 7.11 -16.88
C LYS A 135 -12.40 7.38 -15.75
N VAL A 136 -11.88 6.31 -15.16
CA VAL A 136 -10.96 6.44 -14.04
C VAL A 136 -9.64 5.77 -14.38
N LEU A 137 -8.54 6.38 -13.97
CA LEU A 137 -7.25 5.74 -14.14
C LEU A 137 -6.71 5.33 -12.79
N ILE A 138 -6.35 4.05 -12.65
CA ILE A 138 -5.70 3.59 -11.45
C ILE A 138 -4.19 3.42 -11.68
N MET A 139 -3.41 4.18 -10.90
CA MET A 139 -1.96 4.07 -10.91
C MET A 139 -1.53 3.09 -9.81
N ARG A 140 -0.80 2.05 -10.20
CA ARG A 140 -0.48 0.97 -9.27
C ARG A 140 0.70 0.14 -9.79
N GLY A 141 0.92 -1.01 -9.15
CA GLY A 141 1.92 -1.96 -9.60
C GLY A 141 1.45 -2.78 -10.79
N GLU A 142 2.24 -3.79 -11.15
CA GLU A 142 1.93 -4.64 -12.29
C GLU A 142 0.70 -5.50 -12.00
N GLY A 143 0.56 -5.93 -10.75
CA GLY A 143 -0.62 -6.66 -10.33
C GLY A 143 -1.21 -5.96 -9.13
N GLY A 144 -2.35 -6.45 -8.68
CA GLY A 144 -2.94 -5.93 -7.46
C GLY A 144 -4.36 -6.38 -7.27
N ARG A 145 -5.03 -5.73 -6.33
CA ARG A 145 -6.40 -6.04 -5.97
C ARG A 145 -7.35 -5.56 -7.08
N GLU A 146 -8.27 -6.44 -7.50
CA GLU A 146 -9.18 -6.11 -8.61
C GLU A 146 -10.48 -5.45 -8.16
N PHE A 147 -10.69 -5.41 -6.85
CA PHE A 147 -11.88 -4.88 -6.22
C PHE A 147 -12.34 -3.51 -6.74
N LEU A 148 -11.44 -2.53 -6.74
CA LEU A 148 -11.85 -1.16 -7.07
C LEU A 148 -12.32 -1.07 -8.51
N ALA A 149 -11.54 -1.63 -9.42
CA ALA A 149 -11.90 -1.67 -10.85
C ALA A 149 -13.25 -2.36 -11.06
N GLU A 150 -13.38 -3.57 -10.51
CA GLU A 150 -14.63 -4.34 -10.60
C GLU A 150 -15.84 -3.52 -10.13
N ARG A 151 -15.70 -2.87 -8.97
CA ARG A 151 -16.79 -2.08 -8.37
CA ARG A 151 -16.81 -2.11 -8.40
C ARG A 151 -17.13 -0.86 -9.21
N LEU A 152 -16.08 -0.16 -9.67
CA LEU A 152 -16.27 1.01 -10.53
C LEU A 152 -16.99 0.64 -11.83
N ARG A 153 -16.59 -0.48 -12.42
CA ARG A 153 -17.23 -0.93 -13.66
C ARG A 153 -18.71 -1.24 -13.42
N GLY A 154 -19.01 -1.83 -12.27
CA GLY A 154 -20.39 -2.15 -11.89
C GLY A 154 -21.28 -0.93 -11.86
N GLN A 155 -20.74 0.23 -11.51
CA GLN A 155 -21.51 1.48 -11.55
C GLN A 155 -21.40 2.23 -12.88
N GLY A 156 -20.85 1.55 -13.88
CA GLY A 156 -20.81 2.08 -15.24
C GLY A 156 -19.60 2.96 -15.55
N VAL A 157 -18.60 2.92 -14.66
CA VAL A 157 -17.36 3.67 -14.87
C VAL A 157 -16.33 2.79 -15.60
N GLN A 158 -15.73 3.34 -16.66
CA GLN A 158 -14.65 2.64 -17.34
C GLN A 158 -13.34 2.78 -16.56
N VAL A 159 -12.58 1.68 -16.45
CA VAL A 159 -11.37 1.68 -15.62
C VAL A 159 -10.12 1.15 -16.35
N ASP A 160 -9.13 2.02 -16.45
CA ASP A 160 -7.81 1.69 -16.97
C ASP A 160 -6.78 1.65 -15.86
N TYR A 161 -5.82 0.74 -16.01
CA TYR A 161 -4.69 0.63 -15.14
C TYR A 161 -3.45 1.23 -15.78
N LEU A 162 -2.64 1.92 -14.97
CA LEU A 162 -1.31 2.28 -15.35
C LEU A 162 -0.34 1.62 -14.40
N PRO A 163 0.23 0.46 -14.79
CA PRO A 163 1.26 -0.18 -13.96
C PRO A 163 2.55 0.64 -13.97
N LEU A 164 3.16 0.87 -12.80
CA LEU A 164 4.32 1.76 -12.71
C LEU A 164 5.59 1.02 -12.27
N TYR A 165 5.40 -0.14 -11.66
CA TYR A 165 6.48 -0.89 -11.08
C TYR A 165 6.05 -2.34 -10.97
N ARG A 166 7.02 -3.21 -10.77
CA ARG A 166 6.78 -4.59 -10.45
C ARG A 166 7.25 -4.81 -9.02
N ARG A 167 6.57 -5.67 -8.29
CA ARG A 167 7.00 -6.01 -6.95
C ARG A 167 7.68 -7.38 -6.97
N ARG A 168 8.86 -7.44 -6.37
CA ARG A 168 9.64 -8.67 -6.38
C ARG A 168 10.19 -8.92 -4.98
N ALA A 169 10.37 -10.19 -4.64
CA ALA A 169 11.00 -10.57 -3.36
C ALA A 169 12.50 -10.33 -3.43
N PRO A 170 13.06 -9.49 -2.53
CA PRO A 170 14.51 -9.30 -2.52
C PRO A 170 15.21 -10.62 -2.22
N ASP A 171 16.45 -10.76 -2.64
CA ASP A 171 17.19 -11.98 -2.38
C ASP A 171 18.00 -11.80 -1.11
N TYR A 172 17.70 -12.62 -0.11
CA TYR A 172 18.41 -12.53 1.17
C TYR A 172 19.25 -13.78 1.34
N PRO A 173 20.35 -13.67 2.10
CA PRO A 173 21.04 -14.89 2.51
C PRO A 173 20.04 -15.83 3.16
N ALA A 174 20.31 -17.12 3.03
CA ALA A 174 19.47 -18.18 3.55
C ALA A 174 19.24 -17.96 5.05
N GLY A 175 17.98 -18.11 5.48
CA GLY A 175 17.62 -18.01 6.91
C GLY A 175 17.54 -16.59 7.50
N GLU A 176 17.64 -15.56 6.65
CA GLU A 176 17.61 -14.17 7.12
C GLU A 176 16.41 -13.83 8.04
N LEU A 177 15.23 -14.26 7.67
CA LEU A 177 14.01 -13.94 8.43
C LEU A 177 14.06 -14.53 9.84
N LEU A 178 14.33 -15.82 9.93
CA LEU A 178 14.41 -16.49 11.22
C LEU A 178 15.56 -15.96 12.05
N ALA A 179 16.71 -15.73 11.41
CA ALA A 179 17.87 -15.14 12.09
C ALA A 179 17.54 -13.80 12.71
N ARG A 180 16.79 -12.97 11.99
CA ARG A 180 16.40 -11.64 12.49
C ARG A 180 15.47 -11.71 13.70
N VAL A 181 14.42 -12.50 13.59
CA VAL A 181 13.48 -12.73 14.69
C VAL A 181 14.19 -13.24 15.96
N ARG A 182 15.11 -14.20 15.80
CA ARG A 182 15.86 -14.76 16.93
C ARG A 182 16.88 -13.75 17.49
N ALA A 183 17.76 -13.24 16.62
CA ALA A 183 18.85 -12.38 17.07
C ALA A 183 18.38 -11.07 17.67
N GLU A 184 17.32 -10.49 17.11
CA GLU A 184 16.84 -9.18 17.55
C GLU A 184 15.74 -9.31 18.59
N ARG A 185 15.48 -10.55 19.01
CA ARG A 185 14.42 -10.87 19.97
C ARG A 185 13.09 -10.17 19.61
N LEU A 186 12.66 -10.34 18.36
CA LEU A 186 11.46 -9.67 17.88
C LEU A 186 10.25 -10.35 18.48
N ASN A 187 9.31 -9.54 18.94
CA ASN A 187 8.09 -10.08 19.54
C ASN A 187 6.84 -9.65 18.77
N GLY A 188 7.03 -9.08 17.58
CA GLY A 188 5.94 -8.65 16.72
C GLY A 188 6.34 -8.46 15.27
N LEU A 189 5.38 -8.69 14.38
CA LEU A 189 5.60 -8.56 12.95
C LEU A 189 4.58 -7.56 12.40
N VAL A 190 5.02 -6.72 11.47
CA VAL A 190 4.15 -5.76 10.79
C VAL A 190 4.16 -6.13 9.32
N VAL A 191 2.98 -6.28 8.72
CA VAL A 191 2.82 -6.31 7.26
C VAL A 191 1.86 -5.19 6.88
N SER A 192 1.98 -4.72 5.64
CA SER A 192 1.20 -3.57 5.22
C SER A 192 0.36 -3.88 3.99
N SER A 193 0.34 -5.15 3.57
CA SER A 193 -0.42 -5.58 2.40
C SER A 193 -0.55 -7.10 2.34
N GLY A 194 -1.47 -7.56 1.49
CA GLY A 194 -1.67 -8.99 1.28
C GLY A 194 -0.50 -9.66 0.59
N GLN A 195 0.10 -8.97 -0.38
CA GLN A 195 1.29 -9.47 -1.05
C GLN A 195 2.45 -9.58 -0.03
N GLY A 196 2.60 -8.56 0.80
CA GLY A 196 3.62 -8.61 1.86
C GLY A 196 3.40 -9.78 2.80
N LEU A 197 2.14 -9.98 3.19
CA LEU A 197 1.77 -11.11 4.04
C LEU A 197 2.05 -12.47 3.39
N GLN A 198 1.74 -12.59 2.10
CA GLN A 198 2.10 -13.78 1.29
C GLN A 198 3.60 -14.03 1.22
N ASN A 199 4.38 -12.99 0.96
CA ASN A 199 5.84 -13.12 0.92
C ASN A 199 6.38 -13.57 2.27
N LEU A 200 5.78 -13.09 3.36
CA LEU A 200 6.19 -13.48 4.71
C LEU A 200 5.99 -14.97 4.96
N TYR A 201 4.81 -15.47 4.57
CA TYR A 201 4.50 -16.88 4.66
C TYR A 201 5.48 -17.70 3.82
N GLN A 202 5.70 -17.29 2.57
CA GLN A 202 6.64 -17.99 1.69
C GLN A 202 8.07 -18.01 2.22
N LEU A 203 8.52 -16.90 2.81
CA LEU A 203 9.88 -16.81 3.35
C LEU A 203 9.99 -17.55 4.68
N ALA A 204 8.93 -17.50 5.49
CA ALA A 204 8.89 -18.28 6.73
C ALA A 204 9.07 -19.77 6.46
N ALA A 205 8.50 -20.23 5.35
CA ALA A 205 8.61 -21.63 4.92
C ALA A 205 8.34 -22.58 6.08
N ALA A 206 9.30 -23.46 6.36
CA ALA A 206 9.17 -24.46 7.42
C ALA A 206 9.14 -23.90 8.84
N ASP A 207 9.56 -22.64 9.00
CA ASP A 207 9.58 -22.00 10.33
C ASP A 207 8.31 -21.20 10.61
N TRP A 208 7.36 -21.29 9.69
CA TRP A 208 6.07 -20.62 9.84
C TRP A 208 5.33 -20.94 11.15
N PRO A 209 5.36 -22.20 11.61
CA PRO A 209 4.71 -22.44 12.91
C PRO A 209 5.24 -21.55 14.03
N GLU A 210 6.56 -21.32 14.05
CA GLU A 210 7.20 -20.43 15.02
C GLU A 210 6.91 -18.95 14.72
N ILE A 211 7.06 -18.56 13.46
CA ILE A 211 6.97 -17.15 13.08
C ILE A 211 5.51 -16.69 13.15
N GLY A 212 4.61 -17.54 12.65
CA GLY A 212 3.17 -17.28 12.68
C GLY A 212 2.57 -17.13 14.08
N ARG A 213 3.36 -17.49 15.09
CA ARG A 213 2.95 -17.41 16.50
C ARG A 213 2.91 -15.97 17.00
N LEU A 214 3.77 -15.12 16.44
CA LEU A 214 3.95 -13.76 16.96
C LEU A 214 2.78 -12.86 16.60
N PRO A 215 2.48 -11.87 17.46
CA PRO A 215 1.54 -10.83 17.09
C PRO A 215 1.85 -10.30 15.69
N LEU A 216 0.83 -10.35 14.82
CA LEU A 216 0.95 -9.92 13.44
C LEU A 216 0.04 -8.73 13.21
N PHE A 217 0.63 -7.56 13.03
CA PHE A 217 -0.11 -6.33 12.84
C PHE A 217 -0.41 -6.08 11.35
N VAL A 218 -1.70 -6.13 11.01
CA VAL A 218 -2.19 -6.02 9.63
C VAL A 218 -2.98 -4.72 9.48
N PRO A 219 -2.97 -4.14 8.26
CA PRO A 219 -3.64 -2.85 8.06
C PRO A 219 -5.17 -2.90 7.99
N SER A 220 -5.77 -4.04 7.64
CA SER A 220 -7.20 -4.07 7.34
C SER A 220 -7.88 -5.39 7.70
N PRO A 221 -9.23 -5.41 7.71
CA PRO A 221 -9.99 -6.68 7.89
C PRO A 221 -9.67 -7.75 6.82
N ARG A 222 -9.55 -7.32 5.56
CA ARG A 222 -9.23 -8.25 4.46
C ARG A 222 -7.89 -8.98 4.71
N VAL A 223 -6.85 -8.21 5.00
CA VAL A 223 -5.54 -8.78 5.30
C VAL A 223 -5.59 -9.63 6.58
N ALA A 224 -6.43 -9.23 7.55
CA ALA A 224 -6.62 -10.02 8.78
C ALA A 224 -7.17 -11.40 8.48
N GLU A 225 -8.16 -11.45 7.58
CA GLU A 225 -8.73 -12.70 7.09
C GLU A 225 -7.71 -13.55 6.32
N MET A 226 -6.97 -12.90 5.41
CA MET A 226 -5.90 -13.59 4.68
C MET A 226 -4.90 -14.26 5.65
N ALA A 227 -4.56 -13.55 6.73
CA ALA A 227 -3.63 -14.06 7.75
C ALA A 227 -4.14 -15.28 8.55
N ARG A 228 -5.41 -15.25 8.98
CA ARG A 228 -6.05 -16.41 9.64
C ARG A 228 -6.06 -17.65 8.75
N GLU A 229 -6.32 -17.42 7.46
CA GLU A 229 -6.38 -18.46 6.47
C GLU A 229 -5.03 -19.16 6.34
N LEU A 230 -3.96 -18.40 6.57
CA LEU A 230 -2.59 -18.91 6.46
C LEU A 230 -2.10 -19.58 7.72
N GLY A 231 -2.86 -19.45 8.80
CA GLY A 231 -2.51 -20.11 10.05
C GLY A 231 -1.82 -19.21 11.07
N ALA A 232 -1.98 -17.89 10.92
CA ALA A 232 -1.44 -16.96 11.88
C ALA A 232 -2.34 -16.90 13.10
N GLN A 233 -1.73 -17.04 14.28
CA GLN A 233 -2.45 -17.36 15.52
C GLN A 233 -2.80 -16.13 16.33
N ARG A 234 -2.13 -15.01 16.02
CA ARG A 234 -2.32 -13.79 16.77
C ARG A 234 -2.37 -12.61 15.81
N VAL A 235 -3.53 -12.42 15.20
CA VAL A 235 -3.72 -11.45 14.13
C VAL A 235 -4.34 -10.19 14.68
N ILE A 236 -3.68 -9.06 14.46
CA ILE A 236 -4.11 -7.78 15.03
C ILE A 236 -4.39 -6.73 13.93
N ASP A 237 -5.62 -6.22 13.96
CA ASP A 237 -6.12 -5.32 12.96
C ASP A 237 -5.83 -3.91 13.41
N CYS A 238 -4.95 -3.24 12.68
CA CYS A 238 -4.69 -1.83 12.93
C CYS A 238 -5.72 -1.07 12.12
N ARG A 239 -5.99 0.17 12.46
CA ARG A 239 -7.05 0.83 11.71
C ARG A 239 -6.42 1.55 10.51
N GLY A 240 -5.66 0.81 9.70
CA GLY A 240 -4.84 1.39 8.63
C GLY A 240 -3.36 1.04 8.67
N ALA A 241 -2.60 1.57 7.71
CA ALA A 241 -1.18 1.24 7.54
C ALA A 241 -0.21 2.30 8.06
N SER A 242 -0.74 3.38 8.63
CA SER A 242 0.08 4.51 9.04
C SER A 242 0.76 4.25 10.39
N ALA A 243 1.80 5.03 10.70
CA ALA A 243 2.49 4.91 11.99
C ALA A 243 1.63 5.17 13.23
N PRO A 244 0.80 6.25 13.22
CA PRO A 244 -0.06 6.50 14.39
C PRO A 244 -1.01 5.34 14.64
N ALA A 245 -1.57 4.80 13.57
CA ALA A 245 -2.44 3.63 13.64
C ALA A 245 -1.69 2.46 14.27
N LEU A 246 -0.45 2.24 13.84
CA LEU A 246 0.37 1.18 14.42
C LEU A 246 0.63 1.42 15.91
N LEU A 247 0.99 2.65 16.29
CA LEU A 247 1.18 2.98 17.72
C LEU A 247 -0.04 2.69 18.59
N ALA A 248 -1.23 3.09 18.13
CA ALA A 248 -2.46 2.86 18.89
C ALA A 248 -2.77 1.37 19.02
N ALA A 249 -2.50 0.61 17.96
CA ALA A 249 -2.63 -0.84 17.96
C ALA A 249 -1.63 -1.54 18.88
N LEU A 250 -0.42 -0.99 18.99
CA LEU A 250 0.60 -1.51 19.89
C LEU A 250 0.20 -1.30 21.35
N THR A 251 -0.28 -0.11 21.68
CA THR A 251 -0.80 0.18 23.01
C THR A 251 -1.90 -0.81 23.44
N SER A 252 -2.85 -1.06 22.56
CA SER A 252 -3.97 -1.93 22.88
C SER A 252 -3.56 -3.40 23.01
N ALA A 253 -2.62 -3.85 22.17
CA ALA A 253 -2.14 -5.23 22.24
C ALA A 253 -1.28 -5.46 23.48
N ALA A 254 -1.06 -6.73 23.83
CA ALA A 254 -0.37 -7.13 25.08
C ALA A 254 0.14 -5.94 25.92
CL CL B . 5.63 -3.31 7.57
CL CL C . 3.37 -6.27 -9.04
#